data_5DOL
#
_entry.id   5DOL
#
_cell.length_a   83.480
_cell.length_b   83.480
_cell.length_c   64.710
_cell.angle_alpha   90.000
_cell.angle_beta   90.000
_cell.angle_gamma   120.000
#
_symmetry.space_group_name_H-M   'P 32 2 1'
#
loop_
_entity.id
_entity.type
_entity.pdbx_description
1 polymer 'Initiation-control protein YabA'
2 water water
#
_entity_poly.entity_id   1
_entity_poly.type   'polypeptide(L)'
_entity_poly.pdbx_seq_one_letter_code
;MDKKELFDTVINLEEQIGSLYRQLGDLKQHIGEMIEENHHLQLENKHLRKRLDDTTQQIEKF
;
_entity_poly.pdbx_strand_id   A,B
#
# COMPACT_ATOMS: atom_id res chain seq x y z
N ASP A 2 -15.09 17.70 -9.79
CA ASP A 2 -15.13 17.47 -11.23
C ASP A 2 -14.39 16.19 -11.59
N LYS A 3 -14.15 16.01 -12.89
CA LYS A 3 -13.30 14.91 -13.37
C LYS A 3 -11.92 15.04 -12.76
N LYS A 4 -11.35 16.23 -12.88
CA LYS A 4 -10.04 16.55 -12.34
C LYS A 4 -10.00 16.37 -10.82
N GLU A 5 -10.98 16.95 -10.13
CA GLU A 5 -11.01 16.94 -8.67
C GLU A 5 -11.06 15.53 -8.07
N LEU A 6 -11.60 14.59 -8.82
CA LEU A 6 -11.72 13.21 -8.33
C LEU A 6 -10.55 12.33 -8.79
N PHE A 7 -10.23 12.45 -10.08
CA PHE A 7 -9.12 11.69 -10.63
C PHE A 7 -7.82 12.03 -9.91
N ASP A 8 -7.55 13.32 -9.72
CA ASP A 8 -6.34 13.75 -9.04
C ASP A 8 -6.32 13.29 -7.59
N THR A 9 -7.50 13.11 -7.02
CA THR A 9 -7.63 12.55 -5.67
C THR A 9 -7.16 11.11 -5.67
N VAL A 10 -7.68 10.34 -6.62
CA VAL A 10 -7.30 8.94 -6.71
C VAL A 10 -5.79 8.78 -6.96
N ILE A 11 -5.24 9.58 -7.89
CA ILE A 11 -3.82 9.48 -8.18
C ILE A 11 -2.99 9.95 -6.97
N ASN A 12 -3.56 10.88 -6.21
CA ASN A 12 -2.91 11.34 -4.99
C ASN A 12 -2.81 10.20 -3.99
N LEU A 13 -3.89 9.43 -3.90
CA LEU A 13 -3.89 8.22 -3.07
C LEU A 13 -2.85 7.23 -3.56
N GLU A 14 -2.81 7.00 -4.86
CA GLU A 14 -1.80 6.13 -5.46
C GLU A 14 -0.40 6.54 -4.99
N GLU A 15 -0.06 7.80 -5.22
CA GLU A 15 1.25 8.32 -4.88
C GLU A 15 1.56 8.19 -3.38
N GLN A 16 0.57 8.43 -2.54
CA GLN A 16 0.74 8.21 -1.10
C GLN A 16 1.05 6.75 -0.79
N ILE A 17 0.40 5.85 -1.52
CA ILE A 17 0.65 4.43 -1.38
C ILE A 17 2.09 4.08 -1.78
N GLY A 18 2.56 4.64 -2.90
CA GLY A 18 3.92 4.39 -3.36
C GLY A 18 4.94 4.90 -2.36
N SER A 19 4.62 6.05 -1.76
CA SER A 19 5.44 6.65 -0.70
C SER A 19 5.52 5.73 0.51
N LEU A 20 4.37 5.25 0.95
CA LEU A 20 4.30 4.26 2.05
C LEU A 20 5.16 3.05 1.75
N TYR A 21 5.02 2.51 0.54
CA TYR A 21 5.80 1.34 0.13
C TYR A 21 7.30 1.60 0.24
N ARG A 22 7.75 2.72 -0.33
CA ARG A 22 9.15 3.11 -0.25
C ARG A 22 9.65 3.17 1.21
N GLN A 23 8.90 3.89 2.04
CA GLN A 23 9.23 4.04 3.46
C GLN A 23 9.30 2.69 4.20
N LEU A 24 8.40 1.79 3.83
CA LEU A 24 8.34 0.46 4.42
C LEU A 24 9.53 -0.36 3.96
N GLY A 25 10.03 -0.06 2.76
CA GLY A 25 11.23 -0.69 2.27
C GLY A 25 12.44 -0.27 3.10
N ASP A 26 12.54 1.03 3.36
CA ASP A 26 13.61 1.52 4.24
C ASP A 26 13.55 0.83 5.61
N LEU A 27 12.35 0.88 6.19
CA LEU A 27 12.10 0.19 7.45
C LEU A 27 12.57 -1.27 7.42
N LYS A 28 12.25 -1.97 6.34
CA LYS A 28 12.63 -3.37 6.19
C LYS A 28 14.14 -3.51 6.23
N GLN A 29 14.82 -2.61 5.54
CA GLN A 29 16.27 -2.61 5.56
C GLN A 29 16.83 -2.47 6.99
N HIS A 30 16.38 -1.43 7.69
CA HIS A 30 16.88 -1.17 9.05
CA HIS A 30 16.91 -1.18 9.03
C HIS A 30 16.56 -2.31 10.02
N ILE A 31 15.39 -2.90 9.82
CA ILE A 31 14.94 -4.04 10.62
C ILE A 31 15.86 -5.23 10.39
N GLY A 32 16.22 -5.44 9.12
CA GLY A 32 17.18 -6.48 8.78
C GLY A 32 18.51 -6.27 9.47
N GLU A 33 19.04 -5.06 9.36
CA GLU A 33 20.30 -4.72 10.04
C GLU A 33 20.23 -5.02 11.54
N MET A 34 19.13 -4.62 12.17
CA MET A 34 18.95 -4.88 13.59
C MET A 34 18.87 -6.39 13.89
N ILE A 35 18.28 -7.16 12.99
CA ILE A 35 18.16 -8.60 13.18
C ILE A 35 19.53 -9.27 13.12
N GLU A 36 20.32 -8.90 12.12
CA GLU A 36 21.67 -9.45 12.01
C GLU A 36 22.49 -9.05 13.24
N GLU A 37 22.32 -7.79 13.67
CA GLU A 37 22.99 -7.30 14.87
C GLU A 37 22.68 -8.21 16.05
N ASN A 38 21.38 -8.45 16.24
CA ASN A 38 20.91 -9.40 17.24
C ASN A 38 21.61 -10.75 17.15
N HIS A 39 21.62 -11.32 15.96
CA HIS A 39 22.24 -12.60 15.70
C HIS A 39 23.70 -12.64 16.19
N HIS A 40 24.49 -11.68 15.72
CA HIS A 40 25.90 -11.62 16.08
CA HIS A 40 25.90 -11.64 16.09
C HIS A 40 26.06 -11.47 17.59
N LEU A 41 25.19 -10.66 18.20
CA LEU A 41 25.25 -10.46 19.65
C LEU A 41 24.99 -11.76 20.39
N GLN A 42 24.04 -12.55 19.89
CA GLN A 42 23.74 -13.84 20.52
C GLN A 42 24.91 -14.79 20.41
N LEU A 43 25.52 -14.84 19.21
CA LEU A 43 26.71 -15.70 19.02
C LEU A 43 27.89 -15.30 19.92
N GLU A 44 28.17 -14.00 19.96
CA GLU A 44 29.21 -13.44 20.83
C GLU A 44 28.93 -13.78 22.28
N ASN A 45 27.67 -13.64 22.69
CA ASN A 45 27.26 -13.96 24.04
C ASN A 45 27.53 -15.43 24.37
N LYS A 46 27.10 -16.32 23.47
CA LYS A 46 27.39 -17.74 23.60
C LYS A 46 28.87 -17.99 23.81
N HIS A 47 29.70 -17.40 22.95
CA HIS A 47 31.14 -17.68 23.05
C HIS A 47 31.75 -17.13 24.33
N LEU A 48 31.30 -15.97 24.77
CA LEU A 48 31.86 -15.37 25.98
C LEU A 48 31.44 -16.20 27.18
N ARG A 49 30.22 -16.72 27.15
CA ARG A 49 29.75 -17.64 28.18
C ARG A 49 30.61 -18.89 28.23
N LYS A 50 30.78 -19.55 27.10
CA LYS A 50 31.61 -20.76 27.03
C LYS A 50 33.03 -20.49 27.52
N ARG A 51 33.57 -19.35 27.11
CA ARG A 51 34.92 -18.95 27.49
C ARG A 51 35.03 -18.78 29.00
N LEU A 52 34.04 -18.10 29.58
CA LEU A 52 34.00 -17.88 31.03
C LEU A 52 33.87 -19.20 31.79
N ASP A 53 33.08 -20.13 31.25
CA ASP A 53 32.92 -21.44 31.88
C ASP A 53 34.25 -22.19 31.86
N ASP A 54 34.90 -22.21 30.70
CA ASP A 54 36.17 -22.91 30.55
C ASP A 54 37.25 -22.33 31.46
N THR A 55 37.34 -21.00 31.50
CA THR A 55 38.36 -20.33 32.30
C THR A 55 38.05 -20.50 33.79
N THR A 56 36.76 -20.59 34.13
CA THR A 56 36.33 -20.82 35.51
C THR A 56 36.73 -22.23 35.96
N GLN A 57 36.53 -23.22 35.08
CA GLN A 57 36.95 -24.57 35.39
C GLN A 57 38.47 -24.64 35.52
N GLN A 58 39.17 -23.93 34.63
CA GLN A 58 40.63 -23.83 34.69
C GLN A 58 41.10 -23.29 36.03
N ILE A 59 40.43 -22.25 36.53
CA ILE A 59 40.78 -21.70 37.84
C ILE A 59 40.41 -22.68 38.95
N GLU A 60 39.30 -23.41 38.79
CA GLU A 60 38.88 -24.39 39.77
C GLU A 60 39.91 -25.51 39.89
N LYS A 61 40.62 -25.77 38.80
CA LYS A 61 41.76 -26.70 38.86
C LYS A 61 42.88 -26.05 39.69
N PHE A 62 43.40 -24.93 39.19
CA PHE A 62 44.39 -24.17 39.94
C PHE A 62 44.23 -22.66 39.72
N MET B 1 13.11 -13.61 21.53
CA MET B 1 13.96 -14.47 20.70
C MET B 1 13.40 -14.65 19.30
N ASP B 2 12.29 -13.97 19.02
CA ASP B 2 11.66 -14.02 17.70
C ASP B 2 12.61 -13.50 16.62
N LYS B 3 12.65 -14.18 15.48
CA LYS B 3 13.62 -13.83 14.45
C LYS B 3 12.98 -13.48 13.11
N LYS B 4 13.04 -14.40 12.16
CA LYS B 4 12.65 -14.12 10.79
C LYS B 4 11.13 -14.06 10.59
N GLU B 5 10.37 -14.48 11.59
CA GLU B 5 8.91 -14.40 11.51
C GLU B 5 8.46 -12.95 11.31
N LEU B 6 9.08 -12.05 12.08
CA LEU B 6 8.79 -10.63 12.00
C LEU B 6 9.19 -10.07 10.63
N PHE B 7 10.31 -10.56 10.11
CA PHE B 7 10.78 -10.17 8.79
C PHE B 7 9.75 -10.55 7.72
N ASP B 8 9.22 -11.78 7.83
CA ASP B 8 8.20 -12.26 6.92
C ASP B 8 6.92 -11.45 7.08
N THR B 9 6.69 -10.95 8.30
CA THR B 9 5.59 -10.03 8.54
C THR B 9 5.78 -8.74 7.74
N VAL B 10 6.99 -8.18 7.79
CA VAL B 10 7.33 -7.00 7.00
C VAL B 10 7.11 -7.24 5.50
N ILE B 11 7.61 -8.37 5.00
CA ILE B 11 7.42 -8.73 3.60
C ILE B 11 5.94 -8.84 3.23
N ASN B 12 5.16 -9.41 4.15
CA ASN B 12 3.72 -9.53 3.98
C ASN B 12 3.08 -8.15 3.86
N LEU B 13 3.54 -7.22 4.70
CA LEU B 13 3.09 -5.83 4.65
C LEU B 13 3.37 -5.19 3.29
N GLU B 14 4.62 -5.31 2.84
CA GLU B 14 5.01 -4.75 1.55
C GLU B 14 4.15 -5.34 0.43
N GLU B 15 3.84 -6.64 0.55
CA GLU B 15 2.98 -7.29 -0.45
C GLU B 15 1.56 -6.72 -0.43
N GLN B 16 1.04 -6.45 0.77
CA GLN B 16 -0.29 -5.87 0.90
C GLN B 16 -0.37 -4.45 0.33
N ILE B 17 0.64 -3.65 0.58
CA ILE B 17 0.68 -2.28 0.04
C ILE B 17 0.78 -2.31 -1.48
N GLY B 18 1.69 -3.16 -1.97
CA GLY B 18 1.83 -3.40 -3.40
C GLY B 18 0.49 -3.73 -4.02
N SER B 19 -0.27 -4.60 -3.35
CA SER B 19 -1.61 -4.95 -3.82
C SER B 19 -2.54 -3.73 -3.87
N LEU B 20 -2.61 -3.01 -2.74
CA LEU B 20 -3.40 -1.79 -2.64
C LEU B 20 -3.17 -0.87 -3.83
N TYR B 21 -1.91 -0.72 -4.24
CA TYR B 21 -1.61 0.11 -5.40
C TYR B 21 -2.43 -0.29 -6.65
N ARG B 22 -2.33 -1.56 -7.02
CA ARG B 22 -3.03 -2.08 -8.20
C ARG B 22 -4.54 -1.89 -8.06
N GLN B 23 -5.07 -2.25 -6.89
CA GLN B 23 -6.51 -2.12 -6.65
C GLN B 23 -6.98 -0.67 -6.81
N LEU B 24 -6.14 0.25 -6.36
CA LEU B 24 -6.41 1.66 -6.48
C LEU B 24 -6.43 2.06 -7.95
N GLY B 25 -5.55 1.45 -8.74
CA GLY B 25 -5.56 1.68 -10.17
C GLY B 25 -6.85 1.24 -10.86
N ASP B 26 -7.27 0.01 -10.56
CA ASP B 26 -8.52 -0.50 -11.14
C ASP B 26 -9.70 0.38 -10.72
N LEU B 27 -9.71 0.73 -9.44
CA LEU B 27 -10.71 1.65 -8.92
C LEU B 27 -10.74 2.93 -9.75
N LYS B 28 -9.58 3.50 -10.00
CA LYS B 28 -9.48 4.71 -10.85
C LYS B 28 -10.14 4.50 -12.21
N GLN B 29 -9.83 3.35 -12.82
CA GLN B 29 -10.43 3.03 -14.12
C GLN B 29 -11.97 3.01 -14.07
N HIS B 30 -12.52 2.25 -13.13
CA HIS B 30 -13.97 2.16 -13.00
C HIS B 30 -14.60 3.52 -12.71
N ILE B 31 -13.91 4.32 -11.90
CA ILE B 31 -14.36 5.66 -11.58
C ILE B 31 -14.48 6.52 -12.83
N GLY B 32 -13.41 6.56 -13.62
CA GLY B 32 -13.45 7.27 -14.88
C GLY B 32 -14.61 6.81 -15.76
N GLU B 33 -14.77 5.49 -15.84
CA GLU B 33 -15.89 4.92 -16.59
C GLU B 33 -17.24 5.49 -16.13
N MET B 34 -17.49 5.43 -14.83
CA MET B 34 -18.73 5.99 -14.28
C MET B 34 -18.88 7.49 -14.57
N ILE B 35 -17.77 8.22 -14.60
CA ILE B 35 -17.82 9.66 -14.89
C ILE B 35 -18.28 9.91 -16.33
N GLU B 36 -17.67 9.16 -17.26
CA GLU B 36 -18.09 9.24 -18.66
C GLU B 36 -19.58 8.90 -18.79
N GLU B 37 -19.98 7.80 -18.15
CA GLU B 37 -21.37 7.37 -18.17
C GLU B 37 -22.30 8.49 -17.70
N ASN B 38 -21.93 9.13 -16.59
CA ASN B 38 -22.69 10.26 -16.08
C ASN B 38 -22.79 11.42 -17.08
N HIS B 39 -21.69 11.76 -17.73
CA HIS B 39 -21.71 12.86 -18.71
CA HIS B 39 -21.71 12.85 -18.72
C HIS B 39 -22.65 12.52 -19.89
N HIS B 40 -22.52 11.29 -20.40
CA HIS B 40 -23.36 10.81 -21.50
C HIS B 40 -24.84 10.91 -21.13
N LEU B 41 -25.19 10.35 -19.98
CA LEU B 41 -26.55 10.45 -19.47
C LEU B 41 -27.02 11.90 -19.37
N GLN B 42 -26.15 12.78 -18.89
CA GLN B 42 -26.50 14.19 -18.76
C GLN B 42 -26.90 14.78 -20.10
N LEU B 43 -25.98 14.77 -21.06
CA LEU B 43 -26.29 15.42 -22.35
C LEU B 43 -27.46 14.73 -23.06
N GLU B 44 -27.52 13.41 -22.93
CA GLU B 44 -28.60 12.59 -23.49
C GLU B 44 -29.95 13.05 -22.98
N ASN B 45 -30.07 13.22 -21.67
CA ASN B 45 -31.31 13.68 -21.07
C ASN B 45 -31.62 15.14 -21.44
N LYS B 46 -30.58 15.94 -21.62
CA LYS B 46 -30.77 17.31 -22.08
C LYS B 46 -31.47 17.33 -23.46
N HIS B 47 -30.89 16.58 -24.40
CA HIS B 47 -31.45 16.49 -25.74
C HIS B 47 -32.83 15.83 -25.74
N LEU B 48 -33.02 14.86 -24.86
CA LEU B 48 -34.32 14.22 -24.70
C LEU B 48 -35.36 15.24 -24.26
N ARG B 49 -34.95 16.16 -23.41
CA ARG B 49 -35.83 17.25 -22.99
C ARG B 49 -36.08 18.23 -24.13
N LYS B 50 -35.08 18.41 -25.00
CA LYS B 50 -35.28 19.20 -26.22
C LYS B 50 -36.42 18.62 -27.05
N ARG B 51 -36.24 17.37 -27.49
CA ARG B 51 -37.22 16.69 -28.32
C ARG B 51 -38.59 16.63 -27.63
N LEU B 52 -38.60 16.43 -26.32
CA LEU B 52 -39.83 16.37 -25.56
C LEU B 52 -40.55 17.72 -25.60
N ASP B 53 -39.79 18.79 -25.45
CA ASP B 53 -40.33 20.15 -25.51
C ASP B 53 -40.94 20.42 -26.89
N ASP B 54 -40.19 20.09 -27.94
CA ASP B 54 -40.65 20.32 -29.30
C ASP B 54 -41.91 19.53 -29.62
N THR B 55 -41.93 18.24 -29.26
CA THR B 55 -43.06 17.38 -29.55
C THR B 55 -44.29 17.76 -28.72
N THR B 56 -44.07 18.27 -27.52
CA THR B 56 -45.18 18.74 -26.70
C THR B 56 -45.72 20.05 -27.29
N GLN B 57 -44.84 20.82 -27.91
CA GLN B 57 -45.28 22.02 -28.63
C GLN B 57 -46.07 21.64 -29.89
N GLN B 58 -45.74 20.49 -30.48
CA GLN B 58 -46.48 20.01 -31.65
C GLN B 58 -47.86 19.49 -31.29
N ILE B 59 -47.93 18.63 -30.26
CA ILE B 59 -49.22 18.05 -29.86
C ILE B 59 -50.20 19.13 -29.37
N GLU B 60 -49.71 20.03 -28.52
CA GLU B 60 -50.56 21.07 -27.93
C GLU B 60 -50.99 22.13 -28.94
N LYS B 61 -50.69 21.90 -30.22
CA LYS B 61 -51.16 22.75 -31.30
C LYS B 61 -52.08 21.91 -32.20
N PHE B 62 -52.30 20.66 -31.77
CA PHE B 62 -53.19 19.72 -32.47
C PHE B 62 -52.70 19.44 -33.88
#